data_4ZA8
#
_entry.id   4ZA8
#
_cell.length_a   96.010
_cell.length_b   63.930
_cell.length_c   87.840
_cell.angle_alpha   90.00
_cell.angle_beta   90.00
_cell.angle_gamma   90.00
#
_symmetry.space_group_name_H-M   'P 21 21 2'
#
loop_
_entity.id
_entity.type
_entity.pdbx_description
1 polymer 'Putative uncharacterized protein An03g06590'
2 non-polymer '1-deoxy-5-O-phosphono-1-(3,3,4,5-tetramethyl-9,11-dioxo-2,3,8,9,10,11-hexahydro-7H-quinolino[1,8-fg]pteridin-12-ium-7-y l)-D-ribitol'
3 non-polymer 1-deoxy-5-O-phosphono-1-[(10aR)-2,2,3,4-tetramethyl-8,10-dioxo-1,2,8,9,10,10a-hexahydro-6H-indeno[1,7-ef]pyrimido[4,5-b][1,4]diazepin-6-yl]-D-ribitol
4 non-polymer 'MANGANESE (II) ION'
5 non-polymer 'POTASSIUM ION'
6 non-polymer 'penta-fluorocinnamic acid'
7 water water
#
_entity_poly.entity_id   1
_entity_poly.type   'polypeptide(L)'
_entity_poly.pdbx_seq_one_letter_code
;MSAQPAHLCFRSFVEALKVDNDLVEINTPIDPNLEAAAITRRVCETNDKAPLFNNLIGMKNGLFRILGAPGSLRKSSADR
YGRLARHLALPPTASMREILDKMLSASDMPPIPPTIVPTGPCKENSLDDSEFDLTELPVPLIHKSDGGKYIQTYGMHIVQ
SPDGTWTNWSIARAMVHDKNHLTGLVIPPQHIWQIHQMWKKEGRSDVPWALAFGVPPAAIMASSMPIPDGVTEAGYVGAM
TGSSLELVKCDTNDLYVPATSEIVLEGTLSISETGPEGPFGEMHGYIFPGDTHLGAKYKVNRITYRNNAIMPMSSCGRLT
DETHTMIGSLAAAEIRKLCQQNDLPITDAFAPFESQVTWVALRVDTEKLRAMKTTSEGFRKRVGDVVFNHKAGYTIHRLV
LVGDDIDVYEGKDVLWAFSTRCRPGMDETLFEDVRGFPLIPYMGHGNGPAHRGGKVVSDALMPTEYTTGRNWEAADFNQS
YPEDLKQKVLDNWTKMGFSNLEHHHHHH
;
_entity_poly.pdbx_strand_id   A
#
# COMPACT_ATOMS: atom_id res chain seq x y z
N GLN A 4 -4.50 0.35 24.67
CA GLN A 4 -4.32 -0.66 23.56
C GLN A 4 -3.05 -0.29 22.83
N PRO A 5 -2.26 -1.32 22.42
CA PRO A 5 -1.10 -0.97 21.64
C PRO A 5 -1.34 -0.29 20.31
N ALA A 6 -0.34 0.52 19.92
CA ALA A 6 -0.48 1.29 18.67
C ALA A 6 -0.75 0.48 17.45
N HIS A 7 -0.20 -0.74 17.34
CA HIS A 7 -0.43 -1.51 16.12
C HIS A 7 -1.84 -2.13 16.11
N LEU A 8 -2.55 -2.14 17.25
CA LEU A 8 -3.84 -2.76 17.44
C LEU A 8 -4.95 -1.76 17.55
N CYS A 9 -4.67 -0.47 17.57
CA CYS A 9 -5.67 0.51 17.82
C CYS A 9 -5.25 1.85 17.19
N PHE A 10 -6.06 2.32 16.23
CA PHE A 10 -5.70 3.57 15.53
C PHE A 10 -5.56 4.74 16.45
N ARG A 11 -6.42 4.86 17.46
CA ARG A 11 -6.31 5.99 18.39
C ARG A 11 -4.98 5.98 19.09
N SER A 12 -4.49 4.82 19.48
CA SER A 12 -3.19 4.65 20.10
C SER A 12 -2.06 4.95 19.14
N PHE A 13 -2.22 4.59 17.86
CA PHE A 13 -1.29 4.90 16.80
C PHE A 13 -1.10 6.43 16.70
N VAL A 14 -2.17 7.18 16.69
CA VAL A 14 -2.07 8.65 16.63
C VAL A 14 -1.26 9.14 17.78
N GLU A 15 -1.53 8.62 19.01
N GLU A 15 -1.55 8.65 18.99
CA GLU A 15 -0.71 8.97 20.23
CA GLU A 15 -0.77 9.10 20.15
C GLU A 15 0.72 8.66 20.03
C GLU A 15 0.69 8.67 20.03
N ALA A 16 1.03 7.50 19.42
CA ALA A 16 2.37 7.15 19.20
C ALA A 16 3.08 8.13 18.26
N LEU A 17 2.41 8.55 17.21
CA LEU A 17 3.00 9.56 16.33
C LEU A 17 3.30 10.87 17.09
N LYS A 18 2.37 11.25 17.92
N LYS A 18 2.37 11.25 17.93
CA LYS A 18 2.63 12.46 18.75
CA LYS A 18 2.55 12.45 18.78
C LYS A 18 3.86 12.24 19.61
C LYS A 18 3.80 12.24 19.63
N VAL A 19 3.92 11.17 20.31
N VAL A 19 3.97 11.15 20.34
CA VAL A 19 5.03 10.90 21.23
CA VAL A 19 5.12 11.02 21.22
C VAL A 19 6.33 10.83 20.43
C VAL A 19 6.41 10.75 20.44
N ASP A 20 6.34 10.37 19.18
CA ASP A 20 7.49 10.31 18.34
C ASP A 20 7.97 11.69 17.80
N ASN A 21 7.20 12.73 18.11
CA ASN A 21 7.43 14.04 17.51
C ASN A 21 7.32 13.95 15.97
N ASP A 22 6.29 13.18 15.56
CA ASP A 22 6.00 12.89 14.15
C ASP A 22 4.65 13.30 13.75
N LEU A 23 4.05 14.27 14.46
N LEU A 23 4.07 14.26 14.45
CA LEU A 23 2.66 14.70 14.33
CA LEU A 23 2.74 14.67 14.19
C LEU A 23 2.61 16.17 14.48
C LEU A 23 2.54 16.13 14.51
N VAL A 24 1.84 16.89 13.69
CA VAL A 24 1.47 18.30 13.88
C VAL A 24 -0.02 18.36 14.04
N GLU A 25 -0.48 18.80 15.22
CA GLU A 25 -1.86 19.02 15.48
C GLU A 25 -2.27 20.40 15.02
N ILE A 26 -3.25 20.53 14.16
N ILE A 26 -3.24 20.53 14.12
CA ILE A 26 -3.71 21.76 13.64
CA ILE A 26 -3.79 21.79 13.60
C ILE A 26 -5.11 21.97 14.22
C ILE A 26 -5.16 21.97 14.22
N ASN A 27 -5.24 22.91 15.16
CA ASN A 27 -6.41 23.10 15.96
C ASN A 27 -7.28 24.27 15.49
N THR A 28 -6.80 25.00 14.47
CA THR A 28 -7.56 26.06 13.88
C THR A 28 -8.36 25.53 12.67
N PRO A 29 -9.34 26.26 12.16
CA PRO A 29 -10.21 25.64 11.11
C PRO A 29 -9.46 25.43 9.85
N ILE A 30 -9.65 24.23 9.28
CA ILE A 30 -9.06 23.79 8.01
C ILE A 30 -10.19 23.30 7.11
N ASP A 31 -10.16 23.69 5.85
CA ASP A 31 -11.20 23.34 4.91
C ASP A 31 -10.96 21.93 4.33
N PRO A 32 -11.95 21.02 4.39
CA PRO A 32 -11.81 19.76 3.69
C PRO A 32 -11.84 19.89 2.19
N ASN A 33 -12.39 21.01 1.69
CA ASN A 33 -12.26 21.33 0.29
C ASN A 33 -10.87 21.79 -0.07
N LEU A 34 -10.04 20.86 -0.47
CA LEU A 34 -8.68 21.01 -0.90
C LEU A 34 -7.58 21.36 0.13
N GLU A 35 -7.92 22.19 1.17
CA GLU A 35 -6.87 22.66 2.07
C GLU A 35 -6.18 21.54 2.86
N ALA A 36 -7.02 20.62 3.47
CA ALA A 36 -6.45 19.55 4.24
C ALA A 36 -5.50 18.70 3.37
N ALA A 37 -6.02 18.37 2.14
CA ALA A 37 -5.27 17.54 1.22
C ALA A 37 -4.00 18.27 0.67
N ALA A 38 -4.09 19.58 0.50
CA ALA A 38 -2.92 20.34 0.03
C ALA A 38 -1.77 20.34 1.05
N ILE A 39 -2.18 20.51 2.34
CA ILE A 39 -1.22 20.46 3.41
C ILE A 39 -0.57 19.06 3.43
N THR A 40 -1.45 18.02 3.35
CA THR A 40 -0.98 16.63 3.39
C THR A 40 -0.04 16.32 2.18
N ARG A 41 -0.44 16.83 1.02
CA ARG A 41 0.38 16.65 -0.20
C ARG A 41 1.77 17.22 0.00
N ARG A 42 1.85 18.43 0.59
N ARG A 42 1.85 18.42 0.60
CA ARG A 42 3.15 19.08 0.83
CA ARG A 42 3.17 19.02 0.81
C ARG A 42 3.93 18.28 1.85
C ARG A 42 3.95 18.27 1.86
N VAL A 43 3.28 17.74 2.90
CA VAL A 43 3.90 16.84 3.85
C VAL A 43 4.60 15.69 3.12
N CYS A 44 3.79 15.01 2.23
CA CYS A 44 4.26 13.84 1.55
C CYS A 44 5.44 14.11 0.58
N GLU A 45 5.39 15.31 -0.04
CA GLU A 45 6.47 15.67 -0.97
C GLU A 45 7.72 16.06 -0.28
N THR A 46 7.66 16.36 1.04
CA THR A 46 8.79 16.87 1.83
C THR A 46 9.17 15.95 2.99
N ASN A 47 8.46 14.83 3.13
CA ASN A 47 8.71 13.90 4.26
C ASN A 47 8.57 14.57 5.65
N ASP A 48 7.60 15.44 5.72
CA ASP A 48 7.32 16.16 7.02
C ASP A 48 6.47 15.31 7.97
N LYS A 49 6.20 15.85 9.13
CA LYS A 49 5.38 15.23 10.16
C LYS A 49 3.94 15.04 9.67
N ALA A 50 3.24 14.03 10.13
CA ALA A 50 1.89 13.78 9.71
C ALA A 50 0.96 14.84 10.27
N PRO A 51 0.01 15.39 9.53
CA PRO A 51 -0.97 16.42 10.02
C PRO A 51 -2.19 15.79 10.58
N LEU A 52 -2.61 16.27 11.78
CA LEU A 52 -3.85 15.88 12.43
C LEU A 52 -4.69 17.11 12.45
N PHE A 53 -5.77 17.13 11.71
CA PHE A 53 -6.69 18.21 11.54
C PHE A 53 -7.84 18.02 12.57
N ASN A 54 -7.73 18.74 13.69
CA ASN A 54 -8.66 18.64 14.80
C ASN A 54 -9.86 19.53 14.67
N ASN A 55 -9.86 20.43 13.71
CA ASN A 55 -10.86 21.47 13.58
C ASN A 55 -11.22 21.61 12.06
N LEU A 56 -11.92 20.63 11.55
N LEU A 56 -11.98 20.66 11.50
CA LEU A 56 -12.25 20.48 10.16
CA LEU A 56 -12.34 20.66 10.07
C LEU A 56 -13.58 21.26 9.86
C LEU A 56 -13.60 21.26 9.84
N ILE A 57 -13.62 22.18 8.91
CA ILE A 57 -14.79 22.93 8.59
C ILE A 57 -15.84 21.94 8.06
N GLY A 58 -17.01 21.93 8.72
CA GLY A 58 -18.04 21.01 8.40
C GLY A 58 -18.17 19.83 9.36
N MET A 59 -17.22 19.70 10.30
N MET A 59 -17.22 19.61 10.26
CA MET A 59 -17.36 18.65 11.36
CA MET A 59 -17.43 18.59 11.31
C MET A 59 -18.58 18.95 12.22
C MET A 59 -18.66 18.94 12.15
N LYS A 60 -19.40 17.94 12.45
CA LYS A 60 -20.64 18.06 13.22
C LYS A 60 -20.88 16.80 13.97
N ASN A 61 -21.25 16.90 15.23
CA ASN A 61 -21.62 15.76 16.05
C ASN A 61 -20.59 14.64 16.05
N GLY A 62 -19.36 15.05 15.96
CA GLY A 62 -18.29 14.17 16.10
C GLY A 62 -17.72 13.61 14.78
N LEU A 63 -18.32 13.92 13.65
CA LEU A 63 -17.80 13.41 12.36
C LEU A 63 -17.25 14.57 11.55
N PHE A 64 -15.92 14.70 11.35
CA PHE A 64 -14.85 13.89 11.84
C PHE A 64 -13.58 14.82 11.81
N ARG A 65 -12.55 14.34 12.48
CA ARG A 65 -11.18 14.90 12.34
C ARG A 65 -10.50 14.13 11.22
N ILE A 66 -9.36 14.59 10.70
CA ILE A 66 -8.61 13.88 9.68
C ILE A 66 -7.16 13.72 10.11
N LEU A 67 -6.56 12.55 9.93
CA LEU A 67 -5.13 12.35 9.97
C LEU A 67 -4.64 12.14 8.57
N GLY A 68 -3.77 13.02 8.05
CA GLY A 68 -3.14 12.78 6.75
C GLY A 68 -1.85 12.05 6.88
N ALA A 69 -1.40 11.48 5.71
CA ALA A 69 -0.08 10.91 5.61
C ALA A 69 0.25 9.82 6.62
N PRO A 70 -0.75 8.90 6.89
CA PRO A 70 -0.48 7.91 7.94
C PRO A 70 0.66 6.94 7.75
N GLY A 71 0.99 6.68 6.44
CA GLY A 71 2.00 5.72 6.09
C GLY A 71 3.11 6.26 5.25
N SER A 72 3.33 7.58 5.32
CA SER A 72 4.33 8.26 4.53
C SER A 72 5.68 8.29 5.26
N LEU A 73 6.68 8.89 4.58
CA LEU A 73 8.05 8.82 5.05
C LEU A 73 8.44 9.93 6.02
N ARG A 74 9.38 9.61 6.90
CA ARG A 74 10.00 10.62 7.74
C ARG A 74 11.27 11.12 7.06
N LYS A 75 11.72 12.31 7.47
CA LYS A 75 12.84 12.97 6.78
C LYS A 75 14.14 12.27 7.02
N SER A 76 14.42 11.91 8.27
N SER A 76 14.40 11.93 8.26
CA SER A 76 15.70 11.29 8.53
CA SER A 76 15.63 11.29 8.62
C SER A 76 15.87 9.93 7.95
C SER A 76 15.86 9.92 7.99
N SER A 77 17.07 9.59 7.53
CA SER A 77 17.37 8.27 7.11
C SER A 77 17.19 7.22 8.16
N ALA A 78 17.55 7.54 9.39
CA ALA A 78 17.61 6.55 10.45
C ALA A 78 16.19 5.98 10.77
N ASP A 79 15.18 6.83 10.70
CA ASP A 79 13.79 6.37 10.97
C ASP A 79 12.88 6.67 9.80
N ARG A 80 13.42 6.58 8.61
CA ARG A 80 12.69 6.86 7.39
C ARG A 80 11.35 6.15 7.30
N TYR A 81 11.32 4.88 7.73
CA TYR A 81 10.10 4.06 7.66
C TYR A 81 9.40 3.95 8.98
N GLY A 82 9.67 4.89 9.90
CA GLY A 82 9.14 4.77 11.21
C GLY A 82 7.63 4.71 11.31
N ARG A 83 6.91 5.43 10.43
CA ARG A 83 5.47 5.40 10.45
C ARG A 83 4.93 4.00 10.11
N LEU A 84 5.58 3.35 9.17
N LEU A 84 5.58 3.32 9.17
CA LEU A 84 5.21 1.96 8.86
CA LEU A 84 5.25 1.87 8.85
C LEU A 84 5.56 1.07 10.04
C LEU A 84 5.60 1.00 10.06
N ALA A 85 6.75 1.24 10.64
CA ALA A 85 7.12 0.44 11.80
C ALA A 85 6.09 0.57 12.93
N ARG A 86 5.52 1.76 13.06
CA ARG A 86 4.48 1.98 14.09
C ARG A 86 3.19 1.31 13.78
N HIS A 87 2.97 0.86 12.53
CA HIS A 87 1.81 0.03 12.23
C HIS A 87 1.97 -1.42 12.74
N LEU A 88 3.18 -1.83 13.14
CA LEU A 88 3.54 -3.24 13.25
C LEU A 88 4.22 -3.59 14.53
N ALA A 89 4.38 -2.63 15.50
CA ALA A 89 5.06 -2.87 16.78
C ALA A 89 6.55 -3.02 16.63
N LEU A 90 7.11 -2.60 15.44
CA LEU A 90 8.52 -2.67 15.23
C LEU A 90 9.24 -1.36 15.75
N PRO A 91 10.49 -1.48 16.07
CA PRO A 91 11.22 -0.24 16.41
C PRO A 91 11.18 0.76 15.27
N PRO A 92 11.20 2.05 15.54
CA PRO A 92 11.05 3.05 14.49
C PRO A 92 12.22 3.11 13.52
N THR A 93 13.34 2.54 13.87
CA THR A 93 14.50 2.43 13.03
C THR A 93 14.51 1.16 12.16
N ALA A 94 13.43 0.41 12.15
CA ALA A 94 13.34 -0.82 11.38
C ALA A 94 13.66 -0.54 9.87
N SER A 95 14.36 -1.47 9.30
CA SER A 95 14.65 -1.42 7.86
C SER A 95 13.43 -1.89 7.06
N MET A 96 13.44 -1.56 5.80
N MET A 96 13.42 -1.54 5.80
CA MET A 96 12.41 -2.09 4.92
CA MET A 96 12.38 -2.06 4.91
C MET A 96 12.44 -3.62 4.84
C MET A 96 12.44 -3.61 4.83
N ARG A 97 13.57 -4.24 4.86
CA ARG A 97 13.65 -5.69 4.91
C ARG A 97 12.89 -6.23 6.12
N GLU A 98 13.13 -5.61 7.31
CA GLU A 98 12.45 -6.04 8.52
C GLU A 98 10.96 -5.82 8.48
N ILE A 99 10.49 -4.74 7.90
CA ILE A 99 9.08 -4.49 7.74
C ILE A 99 8.43 -5.49 6.83
N LEU A 100 9.06 -5.75 5.68
CA LEU A 100 8.52 -6.73 4.73
C LEU A 100 8.54 -8.15 5.31
N ASP A 101 9.61 -8.49 6.01
CA ASP A 101 9.66 -9.81 6.65
C ASP A 101 8.53 -9.92 7.67
N LYS A 102 8.24 -8.86 8.42
CA LYS A 102 7.14 -8.93 9.36
C LYS A 102 5.82 -9.19 8.64
N MET A 103 5.61 -8.46 7.55
CA MET A 103 4.40 -8.64 6.73
C MET A 103 4.29 -10.02 6.06
N LEU A 104 5.39 -10.70 5.82
CA LEU A 104 5.39 -12.07 5.24
C LEU A 104 5.33 -13.16 6.32
N SER A 105 5.63 -12.80 7.58
CA SER A 105 5.82 -13.81 8.60
C SER A 105 4.65 -14.76 8.81
N ALA A 106 3.44 -14.24 8.64
CA ALA A 106 2.22 -15.03 8.87
C ALA A 106 2.01 -16.04 7.74
N SER A 107 2.71 -15.94 6.63
N SER A 107 2.70 -15.93 6.62
CA SER A 107 2.51 -16.86 5.51
CA SER A 107 2.41 -16.79 5.49
C SER A 107 2.91 -18.34 5.80
C SER A 107 2.51 -18.26 5.87
N ASP A 108 3.76 -18.60 6.76
N ASP A 108 3.59 -18.49 6.65
CA ASP A 108 3.86 -20.01 7.12
CA ASP A 108 4.09 -19.77 7.19
C ASP A 108 3.60 -20.14 8.64
C ASP A 108 3.35 -20.34 8.49
N MET A 109 2.50 -19.51 9.05
CA MET A 109 1.93 -19.72 10.35
C MET A 109 0.46 -20.12 10.24
N PRO A 110 -0.03 -20.88 11.23
CA PRO A 110 -1.47 -21.07 11.35
C PRO A 110 -2.15 -19.75 11.52
N PRO A 111 -3.30 -19.45 10.89
CA PRO A 111 -4.06 -18.26 11.22
C PRO A 111 -4.41 -18.23 12.71
N ILE A 112 -4.59 -17.03 13.24
CA ILE A 112 -5.21 -16.84 14.55
C ILE A 112 -6.47 -16.11 14.35
N PRO A 113 -7.61 -16.86 14.31
CA PRO A 113 -8.86 -16.22 13.97
C PRO A 113 -9.25 -15.13 14.96
N PRO A 114 -10.10 -14.21 14.56
CA PRO A 114 -10.51 -13.13 15.41
C PRO A 114 -11.43 -13.60 16.54
N THR A 115 -11.52 -12.76 17.55
CA THR A 115 -12.38 -12.94 18.72
C THR A 115 -13.50 -11.97 18.67
N ILE A 116 -14.74 -12.47 18.90
CA ILE A 116 -15.88 -11.64 18.86
C ILE A 116 -16.10 -11.10 20.25
N VAL A 117 -16.25 -9.81 20.38
CA VAL A 117 -16.65 -9.18 21.65
C VAL A 117 -17.90 -8.41 21.46
N PRO A 118 -18.61 -8.16 22.59
CA PRO A 118 -19.98 -7.60 22.47
C PRO A 118 -20.06 -6.14 22.08
N THR A 119 -19.00 -5.35 22.37
CA THR A 119 -19.06 -3.91 22.04
C THR A 119 -17.63 -3.41 21.94
N GLY A 120 -17.52 -2.16 21.51
CA GLY A 120 -16.21 -1.50 21.48
C GLY A 120 -16.44 -0.06 21.20
N PRO A 121 -15.31 0.71 21.15
CA PRO A 121 -15.44 2.13 20.91
C PRO A 121 -16.16 2.57 19.65
N CYS A 122 -16.13 1.72 18.61
CA CYS A 122 -16.78 2.03 17.35
C CYS A 122 -18.30 2.09 17.46
N LYS A 123 -18.85 1.69 18.64
CA LYS A 123 -20.29 1.74 18.91
C LYS A 123 -20.65 2.95 19.78
N GLU A 124 -19.74 3.83 20.06
CA GLU A 124 -20.04 4.99 20.94
C GLU A 124 -21.12 5.86 20.41
N ASN A 125 -21.23 5.98 19.07
CA ASN A 125 -22.23 6.80 18.46
C ASN A 125 -22.76 6.06 17.22
N SER A 126 -23.99 6.37 16.89
CA SER A 126 -24.60 5.81 15.69
C SER A 126 -25.55 6.74 15.02
N LEU A 127 -25.74 6.55 13.70
CA LEU A 127 -26.64 7.32 12.91
C LEU A 127 -27.33 6.34 11.95
N ASP A 128 -28.65 6.25 12.13
CA ASP A 128 -29.41 5.50 11.20
C ASP A 128 -29.67 6.24 9.87
N ASP A 129 -30.39 5.52 8.99
N ASP A 129 -30.36 5.54 8.96
CA ASP A 129 -30.63 6.03 7.65
CA ASP A 129 -30.63 6.10 7.62
C ASP A 129 -31.55 7.24 7.49
C ASP A 129 -31.27 7.51 7.57
N SER A 130 -32.06 7.80 8.61
CA SER A 130 -32.85 9.02 8.64
C SER A 130 -32.02 10.14 9.25
N GLU A 131 -30.78 9.80 9.73
CA GLU A 131 -30.01 10.74 10.51
C GLU A 131 -28.69 11.17 9.90
N PHE A 132 -28.20 10.48 8.88
CA PHE A 132 -26.98 10.93 8.21
C PHE A 132 -27.22 11.34 6.79
N ASP A 133 -26.33 12.16 6.26
CA ASP A 133 -26.27 12.48 4.81
C ASP A 133 -24.81 12.61 4.45
N LEU A 134 -24.31 11.73 3.58
CA LEU A 134 -22.89 11.72 3.28
C LEU A 134 -22.39 12.99 2.63
N THR A 135 -23.31 13.69 1.98
CA THR A 135 -22.98 14.97 1.35
C THR A 135 -22.84 16.12 2.35
N GLU A 136 -23.24 15.87 3.57
CA GLU A 136 -23.16 16.88 4.61
C GLU A 136 -21.97 16.66 5.53
N LEU A 137 -21.23 15.60 5.43
CA LEU A 137 -20.09 15.32 6.20
C LEU A 137 -18.89 16.11 5.60
N PRO A 138 -17.78 16.29 6.34
CA PRO A 138 -16.60 17.07 5.83
C PRO A 138 -15.63 16.19 5.03
N VAL A 139 -16.23 15.49 4.01
CA VAL A 139 -15.48 14.62 3.17
C VAL A 139 -14.53 15.47 2.28
N PRO A 140 -13.25 15.10 2.20
CA PRO A 140 -12.31 15.96 1.48
C PRO A 140 -12.45 15.85 -0.01
N LEU A 141 -12.24 17.02 -0.65
CA LEU A 141 -11.84 17.08 -2.06
C LEU A 141 -10.31 17.03 -2.02
N ILE A 142 -9.73 15.98 -2.58
CA ILE A 142 -8.31 15.70 -2.38
C ILE A 142 -7.42 16.38 -3.44
N HIS A 143 -7.89 16.42 -4.70
CA HIS A 143 -7.20 17.05 -5.82
C HIS A 143 -8.22 17.90 -6.52
N LYS A 144 -7.80 19.04 -7.11
N LYS A 144 -7.84 19.07 -7.11
CA LYS A 144 -8.76 19.99 -7.57
CA LYS A 144 -8.87 20.00 -7.57
C LYS A 144 -9.68 19.47 -8.72
C LYS A 144 -9.73 19.42 -8.72
N SER A 145 -9.18 18.52 -9.56
CA SER A 145 -9.90 17.96 -10.65
C SER A 145 -10.60 16.63 -10.33
N ASP A 146 -10.56 16.19 -9.09
CA ASP A 146 -11.23 14.91 -8.75
C ASP A 146 -12.69 15.00 -9.09
N GLY A 147 -13.25 13.84 -9.50
CA GLY A 147 -14.65 13.74 -9.86
C GLY A 147 -15.59 13.55 -8.73
N GLY A 148 -15.12 13.62 -7.48
CA GLY A 148 -15.96 13.45 -6.29
C GLY A 148 -15.09 13.68 -5.08
N LYS A 149 -15.78 13.67 -3.93
N LYS A 149 -15.81 13.68 -3.95
CA LYS A 149 -15.12 13.80 -2.65
CA LYS A 149 -15.22 13.82 -2.61
C LYS A 149 -14.80 12.43 -2.16
C LYS A 149 -14.81 12.41 -2.18
N TYR A 150 -13.51 12.10 -2.10
CA TYR A 150 -13.03 10.74 -1.82
C TYR A 150 -12.93 10.50 -0.36
N ILE A 151 -14.07 10.05 0.22
CA ILE A 151 -14.17 9.65 1.61
C ILE A 151 -13.23 8.52 1.94
N GLN A 152 -13.01 7.63 0.98
CA GLN A 152 -12.32 6.40 1.23
C GLN A 152 -11.00 6.33 0.48
N THR A 153 -9.96 6.66 1.25
CA THR A 153 -8.58 6.50 0.80
C THR A 153 -7.70 5.70 1.78
N TYR A 154 -8.24 5.38 3.01
CA TYR A 154 -7.39 4.63 3.92
C TYR A 154 -8.23 3.81 4.93
N GLY A 155 -9.47 3.52 4.58
CA GLY A 155 -10.29 2.55 5.27
C GLY A 155 -10.25 1.18 4.61
N MET A 156 -10.83 0.22 5.27
CA MET A 156 -10.82 -1.18 4.89
C MET A 156 -12.24 -1.64 4.51
N HIS A 157 -12.39 -2.03 3.28
CA HIS A 157 -13.63 -2.71 2.83
C HIS A 157 -13.59 -4.13 3.35
N ILE A 158 -14.78 -4.55 3.88
CA ILE A 158 -15.03 -5.89 4.38
C ILE A 158 -16.17 -6.55 3.57
N VAL A 159 -15.81 -7.62 2.87
CA VAL A 159 -16.83 -8.42 2.15
C VAL A 159 -16.43 -9.87 2.39
N GLN A 160 -17.46 -10.75 2.27
CA GLN A 160 -17.33 -12.16 2.59
C GLN A 160 -17.91 -12.99 1.40
N SER A 161 -17.23 -14.07 1.11
CA SER A 161 -17.78 -14.97 0.07
C SER A 161 -19.18 -15.44 0.45
N PRO A 162 -20.04 -15.77 -0.54
CA PRO A 162 -21.38 -16.27 -0.24
C PRO A 162 -21.37 -17.43 0.71
N ASP A 163 -20.44 -18.34 0.62
CA ASP A 163 -20.39 -19.52 1.46
C ASP A 163 -19.84 -19.26 2.81
N GLY A 164 -19.37 -18.02 3.13
CA GLY A 164 -18.93 -17.68 4.44
C GLY A 164 -17.51 -18.00 4.76
N THR A 165 -16.80 -18.65 3.88
CA THR A 165 -15.52 -19.22 4.21
C THR A 165 -14.33 -18.27 4.08
N TRP A 166 -14.51 -17.16 3.36
CA TRP A 166 -13.42 -16.16 3.17
C TRP A 166 -14.02 -14.81 3.40
N THR A 167 -13.38 -14.08 4.37
CA THR A 167 -13.72 -12.66 4.63
C THR A 167 -12.46 -11.83 4.22
N ASN A 168 -12.64 -10.97 3.21
CA ASN A 168 -11.54 -10.18 2.71
C ASN A 168 -11.58 -8.82 3.30
N TRP A 169 -10.38 -8.27 3.61
CA TRP A 169 -10.14 -6.88 4.01
C TRP A 169 -9.14 -6.25 2.96
N SER A 170 -9.59 -5.13 2.44
CA SER A 170 -8.74 -4.48 1.40
C SER A 170 -9.05 -3.01 1.31
N ILE A 171 -8.07 -2.24 0.82
CA ILE A 171 -8.26 -0.81 0.50
C ILE A 171 -8.60 -0.77 -0.98
N ALA A 172 -9.67 -0.10 -1.30
CA ALA A 172 -10.08 0.31 -2.69
C ALA A 172 -10.71 1.62 -2.59
N ARG A 173 -10.45 2.58 -3.48
CA ARG A 173 -10.94 3.93 -3.31
C ARG A 173 -12.46 3.96 -3.46
N ALA A 174 -13.06 4.99 -2.84
CA ALA A 174 -14.43 5.30 -3.04
C ALA A 174 -14.74 6.73 -2.74
N MET A 175 -15.73 7.27 -3.42
CA MET A 175 -16.16 8.65 -3.33
C MET A 175 -17.66 8.72 -3.07
N VAL A 176 -18.09 9.85 -2.52
CA VAL A 176 -19.52 10.08 -2.26
C VAL A 176 -20.27 10.26 -3.60
N HIS A 177 -21.35 9.50 -3.74
CA HIS A 177 -22.26 9.62 -4.85
C HIS A 177 -23.49 10.49 -4.54
N ASP A 178 -24.10 10.20 -3.38
CA ASP A 178 -25.21 10.97 -2.89
C ASP A 178 -25.32 10.76 -1.36
N LYS A 179 -26.48 11.18 -0.84
CA LYS A 179 -26.65 11.12 0.63
C LYS A 179 -26.39 9.79 1.28
N ASN A 180 -26.66 8.72 0.54
CA ASN A 180 -26.53 7.37 1.11
C ASN A 180 -25.81 6.38 0.19
N HIS A 181 -25.00 6.85 -0.78
CA HIS A 181 -24.27 5.92 -1.63
C HIS A 181 -22.84 6.48 -1.91
N LEU A 182 -21.98 5.52 -2.10
CA LEU A 182 -20.64 5.75 -2.65
C LEU A 182 -20.50 5.09 -4.02
N THR A 183 -19.55 5.55 -4.81
CA THR A 183 -19.06 4.81 -5.95
C THR A 183 -17.59 4.53 -5.76
N GLY A 184 -17.06 3.47 -6.33
CA GLY A 184 -15.67 3.16 -6.21
C GLY A 184 -15.17 2.20 -7.25
N LEU A 185 -13.85 1.98 -7.24
N LEU A 185 -13.90 1.95 -7.18
CA LEU A 185 -13.24 0.96 -8.11
CA LEU A 185 -13.25 1.14 -8.13
C LEU A 185 -13.31 -0.37 -7.57
C LEU A 185 -13.24 -0.33 -7.64
N VAL A 186 -13.87 -1.27 -8.38
CA VAL A 186 -13.91 -2.68 -8.08
C VAL A 186 -13.51 -3.38 -9.40
N ILE A 187 -12.24 -3.79 -9.51
CA ILE A 187 -11.70 -4.26 -10.76
C ILE A 187 -10.91 -5.51 -10.55
N PRO A 188 -10.87 -6.34 -11.63
CA PRO A 188 -10.07 -7.54 -11.58
C PRO A 188 -8.58 -7.21 -11.49
N PRO A 189 -7.76 -7.99 -10.89
CA PRO A 189 -8.08 -9.27 -10.22
C PRO A 189 -8.27 -9.12 -8.69
N GLN A 190 -8.65 -7.92 -8.25
CA GLN A 190 -8.65 -7.62 -6.81
C GLN A 190 -9.65 -8.49 -6.07
N HIS A 191 -9.41 -8.78 -4.81
CA HIS A 191 -10.28 -9.69 -4.06
C HIS A 191 -11.65 -9.11 -3.85
N ILE A 192 -11.85 -7.81 -3.70
CA ILE A 192 -13.17 -7.28 -3.60
C ILE A 192 -13.96 -7.61 -4.89
N TRP A 193 -13.31 -7.50 -6.04
CA TRP A 193 -13.88 -7.90 -7.30
C TRP A 193 -14.16 -9.38 -7.38
N GLN A 194 -13.24 -10.20 -6.96
CA GLN A 194 -13.46 -11.66 -7.05
C GLN A 194 -14.68 -12.02 -6.21
N ILE A 195 -14.79 -11.50 -5.01
CA ILE A 195 -16.00 -11.78 -4.16
C ILE A 195 -17.22 -11.20 -4.76
N HIS A 196 -17.18 -9.99 -5.29
N HIS A 196 -17.18 -9.99 -5.29
CA HIS A 196 -18.31 -9.42 -5.92
CA HIS A 196 -18.32 -9.39 -5.98
C HIS A 196 -18.83 -10.39 -7.03
C HIS A 196 -18.85 -10.35 -7.07
N GLN A 197 -17.93 -10.93 -7.83
CA GLN A 197 -18.33 -11.83 -8.92
C GLN A 197 -19.04 -13.06 -8.37
N MET A 198 -18.64 -13.56 -7.20
CA MET A 198 -19.30 -14.74 -6.66
C MET A 198 -20.75 -14.43 -6.33
N TRP A 199 -21.00 -13.25 -5.73
CA TRP A 199 -22.36 -12.80 -5.46
C TRP A 199 -23.17 -12.55 -6.72
N LYS A 200 -22.53 -11.97 -7.72
N LYS A 200 -22.53 -11.96 -7.73
CA LYS A 200 -23.24 -11.74 -8.97
CA LYS A 200 -23.21 -11.75 -9.03
C LYS A 200 -23.70 -13.07 -9.62
C LYS A 200 -23.71 -13.07 -9.61
N LYS A 201 -22.84 -14.04 -9.60
CA LYS A 201 -23.20 -15.34 -10.20
C LYS A 201 -24.28 -16.01 -9.43
N GLU A 202 -24.32 -15.89 -8.09
CA GLU A 202 -25.46 -16.38 -7.31
C GLU A 202 -26.72 -15.62 -7.63
N GLY A 203 -26.64 -14.32 -7.84
CA GLY A 203 -27.72 -13.53 -8.42
C GLY A 203 -28.84 -13.19 -7.58
N ARG A 204 -28.78 -13.51 -6.28
CA ARG A 204 -29.90 -13.40 -5.38
C ARG A 204 -29.96 -12.14 -4.56
N SER A 205 -28.80 -11.61 -4.19
N SER A 205 -28.79 -11.57 -4.28
CA SER A 205 -28.77 -10.32 -3.40
CA SER A 205 -28.59 -10.58 -3.17
C SER A 205 -27.52 -9.55 -3.64
C SER A 205 -27.45 -9.63 -3.49
N ASP A 206 -27.64 -8.34 -3.18
CA ASP A 206 -26.47 -7.44 -3.05
C ASP A 206 -25.50 -7.97 -2.02
N VAL A 207 -24.24 -7.53 -2.09
CA VAL A 207 -23.21 -8.06 -1.24
C VAL A 207 -23.27 -7.34 0.11
N PRO A 208 -23.44 -8.08 1.23
CA PRO A 208 -23.30 -7.41 2.52
C PRO A 208 -21.90 -6.81 2.61
N TRP A 209 -21.81 -5.62 3.15
CA TRP A 209 -20.56 -4.85 3.12
C TRP A 209 -20.44 -4.00 4.33
N ALA A 210 -19.20 -3.76 4.73
CA ALA A 210 -18.87 -2.70 5.70
C ALA A 210 -17.53 -2.05 5.23
N LEU A 211 -17.39 -0.80 5.65
CA LEU A 211 -16.16 -0.04 5.39
C LEU A 211 -15.75 0.60 6.73
N ALA A 212 -14.62 0.16 7.22
CA ALA A 212 -14.17 0.63 8.53
C ALA A 212 -12.93 1.52 8.35
N PHE A 213 -12.99 2.71 8.90
CA PHE A 213 -11.93 3.67 8.83
C PHE A 213 -11.23 3.77 10.18
N GLY A 214 -9.95 4.01 10.16
CA GLY A 214 -9.23 4.08 11.45
C GLY A 214 -9.22 2.73 12.13
N VAL A 215 -8.91 1.69 11.36
CA VAL A 215 -8.76 0.35 11.87
C VAL A 215 -7.44 0.13 12.53
N PRO A 216 -7.22 -1.03 13.20
CA PRO A 216 -5.90 -1.34 13.72
C PRO A 216 -4.86 -1.16 12.65
N PRO A 217 -3.78 -0.47 12.91
CA PRO A 217 -2.75 -0.30 11.88
C PRO A 217 -2.24 -1.60 11.29
N ALA A 218 -2.08 -2.65 12.08
CA ALA A 218 -1.58 -3.89 11.46
C ALA A 218 -2.57 -4.43 10.44
N ALA A 219 -3.87 -4.21 10.69
CA ALA A 219 -4.92 -4.61 9.74
C ALA A 219 -4.92 -3.80 8.48
N ILE A 220 -4.67 -2.47 8.53
CA ILE A 220 -4.62 -1.72 7.30
C ILE A 220 -3.44 -2.09 6.45
N MET A 221 -2.32 -2.48 7.07
N MET A 221 -2.32 -2.51 7.08
CA MET A 221 -1.20 -2.97 6.31
CA MET A 221 -1.16 -3.03 6.35
C MET A 221 -1.56 -4.24 5.55
C MET A 221 -1.52 -4.27 5.56
N ALA A 222 -2.18 -5.22 6.21
CA ALA A 222 -2.59 -6.46 5.47
C ALA A 222 -3.64 -6.14 4.46
N SER A 223 -4.50 -5.16 4.68
CA SER A 223 -5.49 -4.74 3.72
C SER A 223 -4.87 -4.25 2.43
N SER A 224 -3.65 -3.73 2.50
N SER A 224 -3.66 -3.71 2.49
CA SER A 224 -2.91 -3.20 1.36
CA SER A 224 -2.96 -3.19 1.32
C SER A 224 -2.00 -4.18 0.69
C SER A 224 -2.03 -4.19 0.68
N MET A 225 -1.96 -5.40 1.18
CA MET A 225 -1.02 -6.44 0.71
C MET A 225 -1.74 -7.52 -0.09
N PRO A 226 -1.22 -8.01 -1.19
CA PRO A 226 -1.89 -9.09 -1.95
C PRO A 226 -1.58 -10.45 -1.39
N ILE A 227 -2.05 -10.70 -0.16
CA ILE A 227 -1.97 -12.08 0.39
C ILE A 227 -2.89 -12.99 -0.48
N PRO A 228 -2.70 -14.31 -0.36
CA PRO A 228 -3.35 -15.19 -1.34
C PRO A 228 -4.86 -15.16 -1.36
N ASP A 229 -5.36 -15.56 -2.53
CA ASP A 229 -6.78 -15.81 -2.72
C ASP A 229 -7.32 -16.73 -1.61
N GLY A 230 -8.46 -16.44 -1.09
CA GLY A 230 -9.13 -17.30 -0.11
C GLY A 230 -8.63 -17.15 1.30
N VAL A 231 -7.62 -16.30 1.53
CA VAL A 231 -7.07 -16.14 2.87
C VAL A 231 -7.73 -14.94 3.56
N THR A 232 -8.35 -15.18 4.71
CA THR A 232 -9.00 -14.18 5.47
C THR A 232 -7.93 -13.30 6.16
N GLU A 233 -7.88 -12.01 5.80
CA GLU A 233 -6.85 -11.10 6.36
C GLU A 233 -6.89 -11.11 7.86
N ALA A 234 -8.07 -11.18 8.51
CA ALA A 234 -8.09 -11.06 10.00
C ALA A 234 -7.20 -12.12 10.62
N GLY A 235 -7.25 -13.37 10.15
CA GLY A 235 -6.45 -14.40 10.73
C GLY A 235 -4.99 -14.34 10.43
N TYR A 236 -4.63 -13.73 9.30
CA TYR A 236 -3.23 -13.46 8.88
C TYR A 236 -2.65 -12.38 9.83
N VAL A 237 -3.43 -11.34 10.05
CA VAL A 237 -3.01 -10.26 10.98
C VAL A 237 -2.89 -10.84 12.40
N GLY A 238 -3.81 -11.69 12.80
CA GLY A 238 -3.68 -12.34 14.11
C GLY A 238 -2.40 -13.11 14.25
N ALA A 239 -2.04 -13.90 13.23
CA ALA A 239 -0.83 -14.66 13.29
C ALA A 239 0.40 -13.71 13.29
N MET A 240 0.42 -12.70 12.44
N MET A 240 0.37 -12.68 12.45
CA MET A 240 1.55 -11.75 12.34
CA MET A 240 1.51 -11.74 12.32
C MET A 240 1.81 -11.07 13.70
C MET A 240 1.77 -11.01 13.63
N THR A 241 0.74 -10.64 14.36
CA THR A 241 0.86 -9.88 15.58
C THR A 241 0.94 -10.79 16.80
N GLY A 242 0.63 -12.09 16.67
CA GLY A 242 0.59 -12.99 17.75
C GLY A 242 -0.61 -12.90 18.60
N SER A 243 -1.65 -12.20 18.25
CA SER A 243 -2.83 -11.93 19.02
C SER A 243 -4.08 -12.02 18.21
N SER A 244 -5.18 -12.58 18.70
CA SER A 244 -6.40 -12.53 18.01
C SER A 244 -7.03 -11.14 18.02
N LEU A 245 -7.41 -10.67 16.84
CA LEU A 245 -8.04 -9.36 16.76
C LEU A 245 -9.47 -9.40 17.32
N GLU A 246 -9.81 -8.37 18.07
CA GLU A 246 -11.16 -8.21 18.63
C GLU A 246 -12.10 -7.52 17.68
N LEU A 247 -13.14 -8.20 17.28
CA LEU A 247 -14.13 -7.67 16.36
C LEU A 247 -15.51 -7.60 16.97
N VAL A 248 -16.33 -6.64 16.57
N VAL A 248 -16.35 -6.70 16.52
CA VAL A 248 -17.76 -6.50 16.97
CA VAL A 248 -17.71 -6.57 16.99
C VAL A 248 -18.67 -6.67 15.78
C VAL A 248 -18.64 -6.68 15.79
N LYS A 249 -19.82 -7.26 15.95
CA LYS A 249 -20.74 -7.37 14.82
C LYS A 249 -21.32 -6.02 14.41
N CYS A 250 -21.47 -5.84 13.09
CA CYS A 250 -22.24 -4.76 12.59
C CYS A 250 -23.66 -4.79 13.21
N ASP A 251 -24.33 -3.67 13.18
CA ASP A 251 -25.75 -3.65 13.65
C ASP A 251 -26.75 -4.11 12.63
N THR A 252 -26.48 -3.83 11.34
CA THR A 252 -27.45 -4.10 10.28
C THR A 252 -27.07 -5.25 9.41
N ASN A 253 -25.93 -5.92 9.64
CA ASN A 253 -25.61 -7.12 8.90
C ASN A 253 -24.74 -7.95 9.80
N ASP A 254 -24.33 -9.15 9.40
CA ASP A 254 -23.59 -10.06 10.19
C ASP A 254 -22.09 -10.08 9.93
N LEU A 255 -21.56 -9.03 9.31
CA LEU A 255 -20.11 -8.80 9.23
C LEU A 255 -19.58 -8.30 10.53
N TYR A 256 -18.27 -8.48 10.72
CA TYR A 256 -17.59 -8.08 11.93
C TYR A 256 -16.49 -7.08 11.64
N VAL A 257 -16.44 -6.03 12.45
CA VAL A 257 -15.50 -4.91 12.24
C VAL A 257 -14.61 -4.81 13.42
N PRO A 258 -13.38 -4.23 13.27
CA PRO A 258 -12.53 -4.05 14.44
C PRO A 258 -13.21 -3.23 15.53
N ALA A 259 -13.09 -3.69 16.79
CA ALA A 259 -13.79 -3.05 17.91
C ALA A 259 -13.44 -1.61 18.08
N THR A 260 -12.19 -1.17 17.78
CA THR A 260 -11.75 0.20 17.96
C THR A 260 -11.80 1.02 16.67
N SER A 261 -12.47 0.51 15.61
CA SER A 261 -12.58 1.31 14.39
C SER A 261 -13.09 2.73 14.76
N GLU A 262 -12.50 3.72 14.08
CA GLU A 262 -12.95 5.10 14.28
C GLU A 262 -14.33 5.39 13.74
N ILE A 263 -14.60 4.90 12.52
CA ILE A 263 -15.83 5.14 11.85
C ILE A 263 -16.17 3.87 11.04
N VAL A 264 -17.40 3.43 11.08
CA VAL A 264 -17.87 2.29 10.28
C VAL A 264 -19.08 2.64 9.49
N LEU A 265 -19.04 2.33 8.19
CA LEU A 265 -20.21 2.36 7.32
C LEU A 265 -20.67 0.94 7.10
N GLU A 266 -21.98 0.71 7.25
CA GLU A 266 -22.59 -0.60 7.01
C GLU A 266 -23.55 -0.51 5.83
N GLY A 267 -23.57 -1.47 4.95
CA GLY A 267 -24.56 -1.44 3.89
C GLY A 267 -24.36 -2.56 2.90
N THR A 268 -24.49 -2.24 1.61
CA THR A 268 -24.41 -3.23 0.56
C THR A 268 -23.64 -2.73 -0.66
N LEU A 269 -22.92 -3.65 -1.27
CA LEU A 269 -22.25 -3.36 -2.55
C LEU A 269 -23.18 -4.00 -3.63
N SER A 270 -23.69 -3.18 -4.54
CA SER A 270 -24.71 -3.68 -5.48
C SER A 270 -24.08 -4.66 -6.45
N ILE A 271 -24.91 -5.73 -6.75
CA ILE A 271 -24.55 -6.63 -7.86
C ILE A 271 -25.14 -6.20 -9.18
N SER A 272 -25.90 -5.12 -9.22
CA SER A 272 -26.50 -4.62 -10.43
C SER A 272 -26.21 -3.15 -10.79
N GLU A 273 -26.09 -2.27 -9.84
CA GLU A 273 -26.07 -0.88 -10.11
C GLU A 273 -24.64 -0.34 -10.17
N THR A 274 -24.48 0.72 -10.93
CA THR A 274 -23.23 1.41 -11.09
C THR A 274 -23.48 2.89 -10.98
N GLY A 275 -22.44 3.69 -10.87
CA GLY A 275 -22.59 5.13 -10.94
C GLY A 275 -21.24 5.79 -11.36
N PRO A 276 -21.28 7.09 -11.69
CA PRO A 276 -20.05 7.75 -12.08
C PRO A 276 -18.97 7.69 -11.01
N GLU A 277 -17.75 7.41 -11.37
CA GLU A 277 -16.64 7.30 -10.45
C GLU A 277 -15.43 7.92 -11.14
N GLY A 278 -14.63 8.66 -10.37
CA GLY A 278 -13.46 9.29 -10.86
C GLY A 278 -13.75 10.52 -11.67
N PRO A 279 -12.72 11.15 -12.23
CA PRO A 279 -11.33 10.76 -12.11
C PRO A 279 -10.76 11.07 -10.68
N PHE A 280 -9.60 10.51 -10.43
CA PHE A 280 -8.93 10.69 -9.12
C PHE A 280 -7.43 10.87 -9.36
N GLY A 281 -6.80 11.75 -8.63
CA GLY A 281 -5.35 11.87 -8.62
C GLY A 281 -4.73 10.66 -8.00
N GLU A 282 -4.04 9.89 -8.84
CA GLU A 282 -3.68 8.53 -8.55
C GLU A 282 -2.19 8.33 -8.24
N MET A 283 -1.81 7.08 -7.85
CA MET A 283 -0.55 6.69 -7.38
C MET A 283 0.61 6.99 -8.30
N HIS A 284 0.34 7.00 -9.67
CA HIS A 284 1.39 7.24 -10.61
C HIS A 284 1.72 8.72 -10.79
N GLY A 285 0.92 9.60 -10.19
CA GLY A 285 1.20 11.02 -10.20
C GLY A 285 0.37 11.87 -11.09
N TYR A 286 -0.75 11.33 -11.59
CA TYR A 286 -1.56 12.05 -12.60
C TYR A 286 -3.04 12.05 -12.26
N ILE A 287 -3.73 13.02 -12.78
CA ILE A 287 -5.15 12.95 -12.94
C ILE A 287 -5.48 13.41 -14.39
N PHE A 288 -6.44 12.74 -14.99
CA PHE A 288 -6.97 13.03 -16.36
C PHE A 288 -8.33 13.68 -16.15
N PRO A 289 -8.41 15.04 -16.11
N PRO A 289 -8.43 15.03 -16.12
CA PRO A 289 -9.65 15.66 -15.76
CA PRO A 289 -9.70 15.69 -15.80
C PRO A 289 -10.73 15.29 -16.72
C PRO A 289 -10.91 15.23 -16.63
N GLY A 290 -11.92 15.05 -16.17
N GLY A 290 -10.69 14.81 -17.87
CA GLY A 290 -13.04 14.67 -16.95
CA GLY A 290 -11.83 14.33 -18.69
C GLY A 290 -13.14 13.19 -17.25
C GLY A 290 -12.38 12.95 -18.35
N ASP A 291 -12.11 12.40 -17.06
CA ASP A 291 -12.15 10.95 -17.25
C ASP A 291 -12.98 10.25 -16.20
N THR A 292 -14.29 10.40 -16.25
CA THR A 292 -15.28 9.65 -15.39
C THR A 292 -15.76 8.36 -16.10
N HIS A 293 -15.89 7.32 -15.36
CA HIS A 293 -16.39 6.06 -15.92
C HIS A 293 -17.33 5.43 -14.90
N LEU A 294 -18.11 4.48 -15.25
CA LEU A 294 -19.00 3.85 -14.30
C LEU A 294 -18.19 2.96 -13.36
N GLY A 295 -18.45 3.14 -12.04
CA GLY A 295 -17.89 2.25 -11.04
C GLY A 295 -18.93 1.55 -10.24
N ALA A 296 -18.48 0.69 -9.33
CA ALA A 296 -19.34 0.00 -8.40
C ALA A 296 -20.05 1.00 -7.51
N LYS A 297 -21.20 0.62 -7.04
CA LYS A 297 -22.06 1.45 -6.23
C LYS A 297 -22.39 0.77 -4.89
N TYR A 298 -22.12 1.48 -3.80
CA TYR A 298 -22.34 1.02 -2.43
C TYR A 298 -23.48 1.82 -1.85
N LYS A 299 -24.39 1.16 -1.13
CA LYS A 299 -25.42 1.80 -0.36
C LYS A 299 -25.08 1.76 1.15
N VAL A 300 -25.17 2.91 1.82
CA VAL A 300 -24.87 3.01 3.22
C VAL A 300 -26.17 3.04 3.97
N ASN A 301 -26.35 2.13 4.92
CA ASN A 301 -27.53 2.05 5.78
C ASN A 301 -27.33 2.56 7.20
N ARG A 302 -26.11 2.56 7.69
CA ARG A 302 -25.84 2.90 9.07
C ARG A 302 -24.39 3.40 9.15
N ILE A 303 -24.17 4.38 10.04
CA ILE A 303 -22.81 4.82 10.40
C ILE A 303 -22.65 4.63 11.93
N THR A 304 -21.58 4.00 12.41
CA THR A 304 -21.23 4.05 13.80
C THR A 304 -19.85 4.66 13.96
N TYR A 305 -19.54 5.25 15.11
CA TYR A 305 -18.29 5.91 15.19
C TYR A 305 -17.89 6.18 16.67
N ARG A 306 -16.58 6.25 16.89
CA ARG A 306 -16.03 6.69 18.12
C ARG A 306 -16.35 8.11 18.43
N ASN A 307 -16.44 8.44 19.73
CA ASN A 307 -16.36 9.85 20.17
C ASN A 307 -15.05 10.45 19.54
N ASN A 308 -15.23 11.66 19.06
CA ASN A 308 -14.10 12.43 18.48
C ASN A 308 -13.34 11.65 17.40
N ALA A 309 -14.14 10.98 16.58
CA ALA A 309 -13.67 10.14 15.46
C ALA A 309 -12.65 10.84 14.54
N ILE A 310 -11.64 10.04 14.19
CA ILE A 310 -10.59 10.51 13.27
C ILE A 310 -10.65 9.64 11.98
N MET A 311 -10.73 10.32 10.83
CA MET A 311 -10.69 9.70 9.48
C MET A 311 -9.25 9.78 8.94
N PRO A 312 -8.55 8.67 8.70
CA PRO A 312 -7.30 8.75 7.98
C PRO A 312 -7.52 9.07 6.50
N MET A 313 -6.57 9.78 5.91
CA MET A 313 -6.61 10.18 4.51
C MET A 313 -5.27 10.08 3.87
N SER A 314 -5.23 9.52 2.64
CA SER A 314 -4.07 9.54 1.80
C SER A 314 -4.24 10.58 0.69
N SER A 315 -3.39 11.60 0.69
CA SER A 315 -3.38 12.60 -0.40
C SER A 315 -2.38 12.13 -1.42
N CYS A 316 -2.81 11.22 -2.26
CA CYS A 316 -1.88 10.49 -3.10
C CYS A 316 -1.53 11.15 -4.41
N GLY A 317 -0.39 10.78 -4.96
CA GLY A 317 0.03 11.36 -6.24
C GLY A 317 1.54 11.11 -6.44
N ARG A 318 2.26 12.19 -6.74
CA ARG A 318 3.71 12.14 -6.88
C ARG A 318 4.36 11.79 -5.54
N LEU A 319 5.60 11.34 -5.60
CA LEU A 319 6.27 10.79 -4.43
C LEU A 319 6.26 11.75 -3.25
N THR A 320 6.15 11.25 -2.00
CA THR A 320 6.00 9.83 -1.58
C THR A 320 4.84 9.69 -0.63
N ASP A 321 3.94 8.75 -0.89
CA ASP A 321 2.80 8.56 -0.03
C ASP A 321 2.51 7.07 0.11
N GLU A 322 1.38 6.76 0.75
CA GLU A 322 0.96 5.40 1.06
C GLU A 322 0.87 4.53 -0.20
N THR A 323 0.52 5.12 -1.33
CA THR A 323 0.42 4.34 -2.56
C THR A 323 1.75 3.85 -3.03
N HIS A 324 2.85 4.44 -2.57
CA HIS A 324 4.19 4.01 -2.91
C HIS A 324 4.75 3.16 -1.84
N THR A 325 4.69 3.65 -0.56
CA THR A 325 5.31 2.96 0.53
C THR A 325 4.63 1.63 0.82
N MET A 326 3.30 1.58 0.68
CA MET A 326 2.53 0.40 1.02
C MET A 326 2.20 -0.45 -0.24
N ILE A 327 1.59 0.14 -1.29
CA ILE A 327 1.23 -0.67 -2.43
C ILE A 327 2.46 -1.33 -3.01
N GLY A 328 3.49 -0.51 -3.32
CA GLY A 328 4.66 -1.03 -3.99
C GLY A 328 5.43 -2.02 -3.15
N SER A 329 5.70 -1.64 -1.85
CA SER A 329 6.58 -2.45 -1.08
C SER A 329 5.92 -3.81 -0.74
N LEU A 330 4.58 -3.74 -0.44
CA LEU A 330 3.88 -4.94 -0.05
C LEU A 330 3.66 -5.92 -1.22
N ALA A 331 3.50 -5.36 -2.40
CA ALA A 331 3.48 -6.22 -3.63
C ALA A 331 4.82 -6.85 -3.81
N ALA A 332 5.93 -6.05 -3.65
CA ALA A 332 7.22 -6.60 -3.79
C ALA A 332 7.48 -7.74 -2.82
N ALA A 333 7.04 -7.59 -1.55
CA ALA A 333 7.22 -8.62 -0.57
C ALA A 333 6.52 -9.93 -1.04
N GLU A 334 5.28 -9.81 -1.46
CA GLU A 334 4.53 -11.01 -1.92
C GLU A 334 5.19 -11.62 -3.14
N ILE A 335 5.76 -10.80 -4.04
CA ILE A 335 6.49 -11.32 -5.21
C ILE A 335 7.69 -12.07 -4.79
N ARG A 336 8.46 -11.54 -3.77
CA ARG A 336 9.62 -12.25 -3.33
C ARG A 336 9.25 -13.70 -2.91
N LYS A 337 8.21 -13.79 -2.06
CA LYS A 337 7.75 -15.07 -1.58
C LYS A 337 7.30 -15.98 -2.72
N LEU A 338 6.51 -15.42 -3.61
CA LEU A 338 6.00 -16.19 -4.80
C LEU A 338 7.18 -16.76 -5.58
N CYS A 339 8.21 -15.94 -5.81
CA CYS A 339 9.36 -16.43 -6.53
C CYS A 339 10.03 -17.59 -5.81
N GLN A 340 10.23 -17.47 -4.51
CA GLN A 340 10.86 -18.51 -3.73
C GLN A 340 10.05 -19.81 -3.70
N GLN A 341 8.73 -19.66 -3.67
CA GLN A 341 7.85 -20.82 -3.68
C GLN A 341 7.84 -21.52 -4.99
N ASN A 342 8.23 -20.87 -6.12
CA ASN A 342 8.40 -21.40 -7.41
C ASN A 342 9.85 -21.79 -7.70
N ASP A 343 10.65 -21.98 -6.63
CA ASP A 343 11.99 -22.45 -6.71
C ASP A 343 12.92 -21.53 -7.45
N LEU A 344 12.64 -20.23 -7.48
CA LEU A 344 13.52 -19.22 -8.10
C LEU A 344 14.44 -18.69 -7.06
N PRO A 345 15.69 -18.41 -7.36
CA PRO A 345 16.71 -18.06 -6.32
C PRO A 345 16.69 -16.53 -6.01
N ILE A 346 15.55 -16.05 -5.56
CA ILE A 346 15.33 -14.64 -5.26
C ILE A 346 15.46 -14.44 -3.75
N THR A 347 16.30 -13.51 -3.31
CA THR A 347 16.51 -13.26 -1.88
C THR A 347 15.68 -12.03 -1.38
N ASP A 348 15.48 -11.05 -2.23
CA ASP A 348 14.94 -9.78 -1.85
C ASP A 348 14.17 -9.20 -3.02
N ALA A 349 13.18 -8.38 -2.75
CA ALA A 349 12.46 -7.63 -3.75
C ALA A 349 12.03 -6.32 -3.22
N PHE A 350 12.04 -5.27 -4.05
CA PHE A 350 11.53 -3.99 -3.64
C PHE A 350 11.06 -3.25 -4.85
N ALA A 351 10.09 -2.40 -4.79
CA ALA A 351 9.60 -1.54 -5.91
C ALA A 351 10.25 -0.21 -5.79
N PRO A 352 11.24 0.16 -6.59
CA PRO A 352 11.94 1.46 -6.40
C PRO A 352 10.98 2.59 -6.49
N PHE A 353 11.09 3.56 -5.57
CA PHE A 353 10.27 4.72 -5.64
C PHE A 353 10.52 5.48 -6.93
N GLU A 354 11.75 5.51 -7.40
CA GLU A 354 12.11 6.22 -8.63
C GLU A 354 11.34 5.74 -9.82
N SER A 355 10.89 4.48 -9.82
CA SER A 355 10.09 3.89 -10.88
C SER A 355 8.62 4.19 -10.73
N GLN A 356 8.27 5.03 -9.74
CA GLN A 356 6.88 5.27 -9.41
C GLN A 356 6.20 3.89 -9.03
N VAL A 357 6.96 3.06 -8.39
CA VAL A 357 6.58 1.71 -7.96
C VAL A 357 5.98 0.88 -9.06
N THR A 358 6.41 1.09 -10.33
CA THR A 358 6.03 0.26 -11.45
C THR A 358 7.07 -0.78 -11.76
N TRP A 359 8.27 -0.73 -11.19
CA TRP A 359 9.28 -1.74 -11.28
C TRP A 359 9.34 -2.50 -10.00
N VAL A 360 9.79 -3.74 -10.05
CA VAL A 360 10.33 -4.46 -8.89
C VAL A 360 11.69 -4.97 -9.24
N ALA A 361 12.68 -4.66 -8.39
CA ALA A 361 13.99 -5.20 -8.47
C ALA A 361 14.05 -6.48 -7.64
N LEU A 362 14.56 -7.53 -8.27
CA LEU A 362 14.67 -8.86 -7.67
C LEU A 362 16.14 -9.20 -7.50
N ARG A 363 16.61 -9.32 -6.27
CA ARG A 363 17.97 -9.71 -5.97
C ARG A 363 18.10 -11.22 -6.06
N VAL A 364 19.06 -11.67 -6.85
CA VAL A 364 19.28 -13.07 -7.11
C VAL A 364 20.44 -13.59 -6.34
N ASP A 365 20.25 -14.79 -5.71
CA ASP A 365 21.33 -15.55 -5.16
C ASP A 365 22.08 -16.24 -6.30
N THR A 366 23.18 -15.64 -6.70
CA THR A 366 23.84 -16.05 -7.89
C THR A 366 24.59 -17.38 -7.76
N GLU A 367 24.96 -17.77 -6.56
CA GLU A 367 25.46 -19.12 -6.37
C GLU A 367 24.40 -20.18 -6.75
N LYS A 368 23.17 -19.97 -6.31
CA LYS A 368 22.08 -20.83 -6.75
C LYS A 368 21.84 -20.73 -8.22
N LEU A 369 21.90 -19.52 -8.74
CA LEU A 369 21.70 -19.36 -10.18
C LEU A 369 22.70 -20.19 -10.98
N ARG A 370 23.96 -20.12 -10.57
CA ARG A 370 25.02 -20.81 -11.28
C ARG A 370 24.77 -22.31 -11.30
N ALA A 371 24.20 -22.86 -10.21
CA ALA A 371 23.93 -24.29 -10.15
C ALA A 371 22.81 -24.67 -11.06
N MET A 372 21.93 -23.80 -11.47
CA MET A 372 20.86 -24.03 -12.38
C MET A 372 21.35 -24.21 -13.78
N LYS A 373 22.53 -23.74 -14.14
CA LYS A 373 23.11 -23.96 -15.43
C LYS A 373 22.14 -23.55 -16.58
N THR A 374 21.70 -22.28 -16.48
CA THR A 374 20.69 -21.73 -17.32
C THR A 374 21.27 -20.49 -18.08
N THR A 375 20.40 -19.86 -18.81
CA THR A 375 20.77 -18.66 -19.55
C THR A 375 19.85 -17.51 -19.26
N SER A 376 20.22 -16.31 -19.67
CA SER A 376 19.35 -15.19 -19.44
C SER A 376 17.95 -15.32 -20.08
N GLU A 377 17.92 -15.74 -21.35
N GLU A 377 17.88 -15.72 -21.34
CA GLU A 377 16.65 -15.87 -22.04
CA GLU A 377 16.56 -15.71 -21.91
C GLU A 377 15.72 -16.83 -21.29
C GLU A 377 15.70 -16.82 -21.26
N GLY A 378 16.28 -17.97 -20.92
CA GLY A 378 15.44 -18.95 -20.20
C GLY A 378 14.97 -18.45 -18.84
N PHE A 379 15.91 -17.86 -18.07
CA PHE A 379 15.62 -17.45 -16.72
C PHE A 379 14.63 -16.29 -16.72
N ARG A 380 14.85 -15.30 -17.60
CA ARG A 380 13.87 -14.18 -17.70
C ARG A 380 12.50 -14.64 -17.97
N LYS A 381 12.33 -15.60 -18.88
CA LYS A 381 11.04 -16.10 -19.21
C LYS A 381 10.42 -16.81 -18.01
N ARG A 382 11.20 -17.57 -17.29
CA ARG A 382 10.64 -18.27 -16.16
C ARG A 382 10.18 -17.30 -15.08
N VAL A 383 10.97 -16.28 -14.79
CA VAL A 383 10.60 -15.30 -13.76
C VAL A 383 9.38 -14.54 -14.19
N GLY A 384 9.33 -14.06 -15.43
CA GLY A 384 8.24 -13.32 -15.86
C GLY A 384 6.94 -14.11 -15.91
N ASP A 385 7.02 -15.38 -16.34
CA ASP A 385 5.80 -16.21 -16.32
C ASP A 385 5.28 -16.32 -14.87
N VAL A 386 6.14 -16.64 -13.93
CA VAL A 386 5.67 -16.79 -12.54
C VAL A 386 5.01 -15.50 -12.08
N VAL A 387 5.67 -14.35 -12.21
CA VAL A 387 5.21 -13.14 -11.59
C VAL A 387 4.06 -12.49 -12.34
N PHE A 388 4.19 -12.38 -13.69
CA PHE A 388 3.23 -11.65 -14.43
C PHE A 388 1.92 -12.42 -14.67
N ASN A 389 1.90 -13.72 -14.42
CA ASN A 389 0.68 -14.52 -14.45
C ASN A 389 0.03 -14.58 -13.10
N HIS A 390 0.49 -13.91 -12.09
CA HIS A 390 -0.07 -13.94 -10.76
C HIS A 390 -0.60 -12.60 -10.34
N LYS A 391 -1.61 -12.59 -9.51
CA LYS A 391 -2.13 -11.38 -8.98
C LYS A 391 -1.09 -10.49 -8.22
N ALA A 392 -0.14 -11.11 -7.58
CA ALA A 392 0.86 -10.26 -6.86
C ALA A 392 1.65 -9.40 -7.86
N GLY A 393 1.78 -9.84 -9.11
CA GLY A 393 2.47 -9.04 -10.16
C GLY A 393 1.63 -8.04 -10.84
N TYR A 394 0.33 -7.89 -10.54
CA TYR A 394 -0.57 -7.07 -11.26
C TYR A 394 -0.08 -5.67 -11.53
N THR A 395 0.35 -4.93 -10.46
CA THR A 395 0.72 -3.57 -10.56
C THR A 395 2.08 -3.29 -11.18
N ILE A 396 2.86 -4.36 -11.35
CA ILE A 396 4.27 -4.22 -11.71
C ILE A 396 4.45 -4.51 -13.17
N HIS A 397 5.07 -3.56 -13.90
CA HIS A 397 5.28 -3.70 -15.34
C HIS A 397 6.69 -3.99 -15.73
N ARG A 398 7.69 -3.77 -14.89
CA ARG A 398 9.08 -4.12 -15.22
C ARG A 398 9.69 -4.84 -14.07
N LEU A 399 10.28 -6.00 -14.25
CA LEU A 399 11.08 -6.70 -13.29
C LEU A 399 12.53 -6.52 -13.65
N VAL A 400 13.38 -6.11 -12.72
CA VAL A 400 14.80 -5.96 -12.96
C VAL A 400 15.55 -7.00 -12.14
N LEU A 401 16.23 -7.95 -12.78
CA LEU A 401 17.00 -8.96 -12.12
C LEU A 401 18.37 -8.42 -11.82
N VAL A 402 18.84 -8.49 -10.57
CA VAL A 402 20.17 -8.00 -10.22
C VAL A 402 20.87 -9.02 -9.37
N GLY A 403 22.19 -9.02 -9.39
CA GLY A 403 22.97 -9.94 -8.65
C GLY A 403 23.18 -9.44 -7.16
N ASP A 404 23.93 -10.26 -6.46
CA ASP A 404 24.03 -10.14 -5.00
C ASP A 404 24.70 -8.93 -4.53
N ASP A 405 25.42 -8.17 -5.34
CA ASP A 405 26.06 -6.95 -4.91
C ASP A 405 25.09 -5.80 -4.76
N ILE A 406 23.92 -5.85 -5.32
CA ILE A 406 22.98 -4.78 -5.34
C ILE A 406 22.00 -4.88 -4.21
N ASP A 407 21.86 -3.74 -3.45
CA ASP A 407 20.85 -3.61 -2.39
C ASP A 407 19.59 -3.06 -3.08
N VAL A 408 18.59 -3.94 -3.29
CA VAL A 408 17.43 -3.54 -3.99
C VAL A 408 16.57 -2.49 -3.30
N TYR A 409 16.84 -2.26 -1.96
CA TYR A 409 16.14 -1.26 -1.23
C TYR A 409 16.71 0.15 -1.47
N GLU A 410 17.83 0.24 -2.23
CA GLU A 410 18.47 1.49 -2.53
C GLU A 410 18.31 1.81 -4.02
N GLY A 411 17.42 2.73 -4.32
CA GLY A 411 17.09 2.97 -5.72
C GLY A 411 18.27 3.43 -6.55
N LYS A 412 19.25 4.18 -5.97
N LYS A 412 19.25 4.14 -5.96
CA LYS A 412 20.45 4.56 -6.72
CA LYS A 412 20.33 4.58 -6.77
C LYS A 412 21.17 3.37 -7.26
C LYS A 412 21.14 3.38 -7.27
N ASP A 413 21.23 2.30 -6.49
CA ASP A 413 21.98 1.12 -6.86
C ASP A 413 21.23 0.30 -7.90
N VAL A 414 19.90 0.21 -7.78
CA VAL A 414 19.08 -0.42 -8.80
C VAL A 414 19.21 0.29 -10.11
N LEU A 415 19.16 1.63 -10.10
N LEU A 415 19.14 1.65 -10.10
CA LEU A 415 19.28 2.38 -11.34
CA LEU A 415 19.26 2.38 -11.36
C LEU A 415 20.65 2.21 -11.96
C LEU A 415 20.65 2.21 -11.96
N TRP A 416 21.70 2.18 -11.18
CA TRP A 416 23.05 1.94 -11.66
C TRP A 416 23.12 0.59 -12.33
N ALA A 417 22.61 -0.48 -11.68
CA ALA A 417 22.67 -1.81 -12.25
C ALA A 417 21.83 -1.90 -13.53
N PHE A 418 20.63 -1.37 -13.49
CA PHE A 418 19.76 -1.42 -14.71
C PHE A 418 20.43 -0.78 -15.87
N SER A 419 21.02 0.42 -15.64
N SER A 419 21.02 0.42 -15.64
CA SER A 419 21.57 1.24 -16.74
CA SER A 419 21.52 1.27 -16.75
C SER A 419 22.85 0.73 -17.29
C SER A 419 22.83 0.75 -17.28
N THR A 420 23.55 -0.07 -16.58
CA THR A 420 24.91 -0.52 -16.94
C THR A 420 25.03 -1.99 -17.24
N ARG A 421 24.05 -2.82 -16.81
CA ARG A 421 24.14 -4.27 -16.94
C ARG A 421 23.05 -4.88 -17.82
N CYS A 422 22.04 -4.18 -18.16
CA CYS A 422 20.95 -4.71 -19.01
C CYS A 422 21.00 -4.00 -20.38
N ARG A 423 21.39 -4.78 -21.41
CA ARG A 423 21.44 -4.29 -22.79
C ARG A 423 20.01 -4.15 -23.28
N PRO A 424 19.56 -2.96 -23.65
CA PRO A 424 18.17 -2.79 -24.16
C PRO A 424 17.88 -3.79 -25.24
N GLY A 425 16.70 -4.40 -25.20
CA GLY A 425 16.30 -5.36 -26.23
C GLY A 425 16.83 -6.74 -25.97
N MET A 426 18.10 -6.96 -26.22
CA MET A 426 18.72 -8.28 -26.12
C MET A 426 18.57 -8.92 -24.74
N ASP A 427 18.72 -8.11 -23.69
CA ASP A 427 18.70 -8.63 -22.35
C ASP A 427 17.32 -8.49 -21.70
N GLU A 428 16.29 -8.36 -22.51
CA GLU A 428 14.94 -8.17 -22.02
C GLU A 428 14.00 -9.12 -22.72
N THR A 429 12.90 -9.45 -22.00
CA THR A 429 11.80 -10.22 -22.60
C THR A 429 10.53 -9.50 -22.39
N LEU A 430 9.77 -9.13 -23.44
CA LEU A 430 8.55 -8.50 -23.41
C LEU A 430 7.41 -9.51 -23.19
N PHE A 431 6.38 -9.12 -22.46
CA PHE A 431 5.20 -9.94 -22.17
C PHE A 431 3.99 -9.17 -22.56
N GLU A 432 3.35 -9.56 -23.71
CA GLU A 432 2.21 -8.87 -24.18
C GLU A 432 0.88 -9.57 -23.85
N ASP A 433 0.98 -10.85 -23.45
CA ASP A 433 -0.20 -11.65 -23.20
C ASP A 433 -0.40 -11.91 -21.71
N VAL A 434 -0.26 -10.92 -20.91
CA VAL A 434 -0.48 -10.92 -19.47
C VAL A 434 -1.41 -9.75 -19.13
N ARG A 435 -2.03 -9.81 -17.96
CA ARG A 435 -2.85 -8.73 -17.51
C ARG A 435 -1.99 -7.47 -17.24
N GLY A 436 -2.44 -6.34 -17.74
CA GLY A 436 -1.76 -5.07 -17.51
C GLY A 436 -2.52 -4.25 -16.47
N PHE A 437 -1.83 -3.24 -15.92
CA PHE A 437 -2.39 -2.38 -14.87
C PHE A 437 -2.89 -1.11 -15.52
N PRO A 438 -4.19 -0.94 -15.73
CA PRO A 438 -4.66 0.16 -16.56
C PRO A 438 -4.41 1.53 -16.00
N LEU A 439 -4.23 1.66 -14.72
N LEU A 439 -4.18 1.62 -14.71
CA LEU A 439 -4.05 2.96 -14.10
CA LEU A 439 -3.96 2.89 -14.02
C LEU A 439 -2.71 3.59 -14.49
C LEU A 439 -2.71 3.58 -14.50
N ILE A 440 -1.70 2.81 -14.90
CA ILE A 440 -0.46 3.47 -15.39
C ILE A 440 -0.80 4.30 -16.61
N PRO A 441 -0.37 5.54 -16.72
CA PRO A 441 -0.82 6.36 -17.86
C PRO A 441 -0.52 5.73 -19.23
N TYR A 442 0.66 5.10 -19.37
CA TYR A 442 0.99 4.51 -20.67
C TYR A 442 0.12 3.30 -20.98
N MET A 443 -0.68 2.79 -20.06
CA MET A 443 -1.63 1.71 -20.27
C MET A 443 -2.96 2.31 -20.59
N GLY A 444 -3.71 2.78 -19.61
CA GLY A 444 -5.04 3.24 -19.87
C GLY A 444 -5.23 4.50 -20.69
N HIS A 445 -4.20 5.33 -20.77
CA HIS A 445 -4.19 6.49 -21.61
C HIS A 445 -3.13 6.41 -22.72
N GLY A 446 -2.69 5.22 -23.00
CA GLY A 446 -1.57 5.03 -23.92
C GLY A 446 -1.98 4.55 -25.31
N ASN A 447 -0.99 4.01 -26.01
CA ASN A 447 -1.09 3.63 -27.40
C ASN A 447 -1.58 2.24 -27.63
N GLY A 448 -1.71 1.40 -26.62
CA GLY A 448 -2.08 0.01 -26.75
C GLY A 448 -3.22 -0.36 -25.86
N PRO A 449 -3.53 -1.67 -25.81
CA PRO A 449 -4.64 -2.16 -24.97
C PRO A 449 -4.44 -1.72 -23.49
N ALA A 450 -5.49 -1.24 -22.88
CA ALA A 450 -5.37 -0.76 -21.51
C ALA A 450 -5.09 -1.88 -20.50
N HIS A 451 -5.62 -3.07 -20.81
CA HIS A 451 -5.64 -4.15 -19.88
C HIS A 451 -4.75 -5.33 -20.12
N ARG A 452 -3.92 -5.24 -21.17
CA ARG A 452 -3.12 -6.38 -21.57
C ARG A 452 -1.73 -5.86 -22.00
N GLY A 453 -0.77 -6.59 -21.56
CA GLY A 453 0.61 -6.44 -22.02
C GLY A 453 1.32 -5.24 -21.41
N GLY A 454 2.39 -4.86 -22.12
CA GLY A 454 3.20 -3.72 -21.64
C GLY A 454 4.13 -4.09 -20.54
N LYS A 455 4.47 -5.35 -20.36
CA LYS A 455 5.35 -5.82 -19.27
C LYS A 455 6.65 -6.31 -19.82
N VAL A 456 7.70 -6.30 -19.00
CA VAL A 456 9.02 -6.64 -19.42
C VAL A 456 9.81 -7.23 -18.26
N VAL A 457 10.66 -8.19 -18.48
CA VAL A 457 11.70 -8.63 -17.62
C VAL A 457 13.03 -8.11 -18.16
N SER A 458 13.73 -7.28 -17.39
CA SER A 458 15.02 -6.70 -17.74
C SER A 458 16.09 -7.41 -16.98
N ASP A 459 17.01 -8.14 -17.61
CA ASP A 459 18.00 -8.87 -16.93
C ASP A 459 19.28 -8.02 -16.75
N ALA A 460 19.53 -7.55 -15.52
CA ALA A 460 20.73 -6.82 -15.14
C ALA A 460 21.71 -7.72 -14.48
N LEU A 461 21.61 -9.06 -14.67
CA LEU A 461 22.65 -9.94 -14.36
C LEU A 461 23.69 -9.98 -15.47
N MET A 462 24.96 -9.95 -15.14
CA MET A 462 26.04 -10.00 -16.14
C MET A 462 26.31 -11.46 -16.53
N PRO A 463 26.92 -11.66 -17.72
CA PRO A 463 27.01 -13.06 -18.22
C PRO A 463 27.67 -14.02 -17.29
N THR A 464 28.74 -13.63 -16.61
CA THR A 464 29.44 -14.59 -15.79
C THR A 464 28.69 -14.90 -14.51
N GLU A 465 27.67 -14.11 -14.19
CA GLU A 465 26.87 -14.44 -13.02
C GLU A 465 26.07 -15.74 -13.20
N TYR A 466 25.87 -16.13 -14.45
CA TYR A 466 25.22 -17.45 -14.78
C TYR A 466 26.19 -18.61 -14.83
N THR A 467 27.51 -18.35 -14.85
CA THR A 467 28.52 -19.35 -15.18
C THR A 467 29.52 -19.49 -14.05
N THR A 468 30.50 -18.63 -13.99
CA THR A 468 31.68 -18.78 -13.14
C THR A 468 31.77 -17.74 -11.96
N GLY A 469 30.94 -16.71 -12.03
CA GLY A 469 30.90 -15.74 -10.92
C GLY A 469 31.25 -14.34 -11.43
N ARG A 470 30.88 -13.36 -10.63
CA ARG A 470 31.19 -11.93 -10.90
C ARG A 470 32.65 -11.76 -11.23
N ASN A 471 32.92 -11.01 -12.30
CA ASN A 471 34.27 -10.78 -12.84
C ASN A 471 34.70 -9.31 -12.89
N TRP A 472 34.05 -8.49 -12.10
CA TRP A 472 34.39 -7.10 -11.95
C TRP A 472 34.54 -6.74 -10.48
N GLU A 473 35.11 -5.55 -10.28
CA GLU A 473 35.03 -4.81 -9.04
C GLU A 473 34.44 -3.45 -9.33
N ALA A 474 33.67 -2.87 -8.41
CA ALA A 474 33.18 -1.52 -8.66
C ALA A 474 34.34 -0.54 -8.59
N ALA A 475 34.26 0.49 -9.43
CA ALA A 475 35.11 1.64 -9.40
C ALA A 475 34.55 2.68 -8.43
N ASP A 476 34.55 2.28 -7.16
CA ASP A 476 34.04 3.09 -6.10
C ASP A 476 34.99 3.04 -4.93
N PHE A 477 34.76 3.93 -3.94
CA PHE A 477 35.64 3.97 -2.78
C PHE A 477 35.69 2.63 -2.08
N ASN A 478 34.52 2.00 -1.94
CA ASN A 478 34.42 0.73 -1.19
C ASN A 478 35.27 -0.38 -1.82
N GLN A 479 35.21 -0.52 -3.15
CA GLN A 479 35.74 -1.73 -3.78
C GLN A 479 37.07 -1.53 -4.51
N SER A 480 37.51 -0.29 -4.73
N SER A 480 37.50 -0.30 -4.82
CA SER A 480 38.64 0.01 -5.55
CA SER A 480 38.74 -0.14 -5.54
C SER A 480 39.91 0.27 -4.72
C SER A 480 39.96 0.21 -4.71
N TYR A 481 39.79 0.16 -3.39
CA TYR A 481 40.89 0.49 -2.50
C TYR A 481 40.96 -0.49 -1.36
N PRO A 482 42.14 -0.88 -0.88
CA PRO A 482 42.20 -1.82 0.20
C PRO A 482 41.69 -1.27 1.51
N GLU A 483 41.30 -2.24 2.37
CA GLU A 483 40.72 -1.93 3.67
C GLU A 483 41.54 -0.94 4.51
N ASP A 484 42.82 -1.22 4.60
N ASP A 484 42.80 -1.26 4.60
CA ASP A 484 43.64 -0.35 5.48
CA ASP A 484 43.65 -0.45 5.47
C ASP A 484 43.76 1.11 5.00
C ASP A 484 43.73 1.06 4.99
N LEU A 485 43.76 1.27 3.68
CA LEU A 485 43.79 2.59 3.09
C LEU A 485 42.48 3.31 3.31
N LYS A 486 41.35 2.59 3.07
CA LYS A 486 40.06 3.26 3.24
C LYS A 486 39.98 3.81 4.70
N GLN A 487 40.38 2.94 5.64
CA GLN A 487 40.25 3.32 7.04
C GLN A 487 41.12 4.49 7.40
N LYS A 488 42.33 4.56 6.81
CA LYS A 488 43.20 5.71 6.97
C LYS A 488 42.57 6.99 6.45
N VAL A 489 42.01 6.90 5.22
CA VAL A 489 41.34 8.04 4.67
C VAL A 489 40.22 8.49 5.57
N LEU A 490 39.39 7.57 5.97
CA LEU A 490 38.29 7.95 6.85
C LEU A 490 38.79 8.60 8.21
N ASP A 491 39.83 7.96 8.71
CA ASP A 491 40.34 8.49 10.05
C ASP A 491 40.92 9.84 9.92
N ASN A 492 41.50 10.19 8.74
CA ASN A 492 42.15 11.46 8.52
C ASN A 492 41.30 12.52 7.84
N TRP A 493 40.04 12.16 7.58
CA TRP A 493 39.14 12.99 6.72
C TRP A 493 38.96 14.42 7.23
N THR A 494 38.49 14.56 8.50
CA THR A 494 38.23 15.90 9.01
C THR A 494 39.57 16.65 9.33
N LYS A 495 40.64 15.89 9.66
CA LYS A 495 41.97 16.44 10.01
C LYS A 495 42.47 17.11 8.78
N MET A 496 42.32 16.42 7.60
CA MET A 496 42.77 17.02 6.32
C MET A 496 42.06 18.24 5.96
N GLY A 497 40.81 18.48 6.30
CA GLY A 497 39.95 19.60 5.92
C GLY A 497 38.58 19.31 5.26
N PHE A 498 38.18 18.02 5.17
CA PHE A 498 36.93 17.61 4.48
C PHE A 498 35.76 17.58 5.50
N SER A 499 34.48 17.42 5.09
CA SER A 499 33.28 17.43 5.94
C SER A 499 33.09 15.98 6.24
N HIS A 503 25.76 13.31 10.71
CA HIS A 503 25.47 12.39 11.87
C HIS A 503 24.33 11.45 11.55
N HIS A 504 24.53 10.16 11.86
CA HIS A 504 23.55 9.12 11.51
C HIS A 504 22.13 9.43 11.90
N HIS A 505 21.88 9.90 13.12
CA HIS A 505 20.45 10.02 13.51
C HIS A 505 19.78 11.28 13.03
N HIS A 506 20.49 12.21 12.37
CA HIS A 506 19.83 13.50 12.05
#